data_1CSC
#
_entry.id   1CSC
#
_cell.length_a   104.000
_cell.length_b   78.100
_cell.length_c   58.300
_cell.angle_alpha   90.00
_cell.angle_beta   78.90
_cell.angle_gamma   90.00
#
_symmetry.space_group_name_H-M   'C 1 2 1'
#
loop_
_entity.id
_entity.type
_entity.pdbx_description
1 polymer 'CITRATE SYNTHASE'
2 non-polymer 'CARBOXYMETHYL COENZYME *A'
3 non-polymer '(2S)-2-hydroxybutanedioic acid'
4 water water
#
_entity_poly.entity_id   1
_entity_poly.type   'polypeptide(L)'
_entity_poly.pdbx_seq_one_letter_code
;ASSTNLKDVLAALIPKEQARIKTFRQQHGGTALGQITVDMSYGGMRGMKGLVYETSVLDPDEGIRFRGFSIPECQKLLPK
GG(UNK)GGEPLPEGLFWLLVTGQIPTGAQVSWLSKEWAKRAALPSHVVTMLDNFPTNLHPMSQLSAAITALNSESNFAR
AYAEGILRTKYWEMVYESAMDLIAKLPCVAAKIYRNLYRAGSSIGAIDSKLDWSHNFTNMLGYTDAQFTELMRLYLTIHS
DHEGGNVSAHTSHLVGSALSDPYLSFAAAMNGLAGPLHGLANQEVLGWLAQLQKA(UNK)(UNK)(UNK)AGADASLRDY
IWNTLNSGRVVPGYGHAVLRKTDPRYTCQREFALKHLPGDPMFKLVAQLYKIVPNVLLEQGAAANPWPNVDAHSGVLLQY
YGMTEMNYYTVLFGVSRALGVLAQLIWSRALGFPLERPKSMSTDGLIAL
;
_entity_poly.pdbx_strand_id   A
#
loop_
_chem_comp.id
_chem_comp.type
_chem_comp.name
_chem_comp.formula
CMC non-polymer 'CARBOXYMETHYL COENZYME *A' 'C23 H38 N7 O18 P3 S'
LMR non-polymer '(2S)-2-hydroxybutanedioic acid' 'C4 H6 O5'
#
# COMPACT_ATOMS: atom_id res chain seq x y z
N ALA A 1 -9.20 -19.69 -30.06
CA ALA A 1 -7.75 -19.65 -30.25
C ALA A 1 -7.00 -18.79 -29.23
N SER A 2 -5.65 -18.81 -29.19
CA SER A 2 -4.82 -17.92 -28.32
C SER A 2 -4.72 -18.26 -26.86
N SER A 3 -3.94 -17.36 -26.13
CA SER A 3 -3.43 -17.34 -24.73
C SER A 3 -3.67 -16.17 -23.75
N THR A 4 -2.95 -16.00 -22.58
CA THR A 4 -3.31 -14.96 -21.55
C THR A 4 -2.94 -13.51 -21.86
N ASN A 5 -3.84 -12.62 -21.46
CA ASN A 5 -3.63 -11.19 -21.61
C ASN A 5 -4.63 -10.35 -20.87
N LEU A 6 -4.16 -9.75 -19.76
CA LEU A 6 -5.01 -8.94 -18.91
C LEU A 6 -5.73 -7.89 -19.72
N LYS A 7 -5.02 -7.34 -20.68
CA LYS A 7 -5.67 -6.25 -21.38
C LYS A 7 -6.89 -6.62 -22.18
N ASP A 8 -6.93 -7.83 -22.75
CA ASP A 8 -8.04 -8.30 -23.53
C ASP A 8 -9.18 -8.60 -22.61
N VAL A 9 -8.79 -9.04 -21.46
CA VAL A 9 -9.81 -9.30 -20.50
C VAL A 9 -10.47 -8.00 -20.07
N LEU A 10 -9.65 -7.04 -19.63
CA LEU A 10 -10.20 -5.72 -19.34
C LEU A 10 -11.05 -5.15 -20.46
N ALA A 11 -10.63 -5.21 -21.73
CA ALA A 11 -11.42 -4.72 -22.87
C ALA A 11 -12.83 -5.32 -22.94
N ALA A 12 -12.94 -6.52 -22.41
CA ALA A 12 -14.24 -7.12 -22.46
C ALA A 12 -15.14 -6.61 -21.34
N LEU A 13 -14.55 -6.48 -20.13
CA LEU A 13 -15.07 -6.06 -18.82
C LEU A 13 -15.46 -4.53 -18.78
N ILE A 14 -14.63 -3.53 -19.22
CA ILE A 14 -14.96 -2.06 -19.25
C ILE A 14 -16.37 -1.58 -19.71
N PRO A 15 -16.76 -1.98 -20.93
CA PRO A 15 -18.11 -1.72 -21.47
C PRO A 15 -19.26 -2.23 -20.61
N LYS A 16 -19.13 -3.42 -20.03
CA LYS A 16 -20.14 -3.91 -19.13
C LYS A 16 -20.35 -3.03 -17.93
N GLU A 17 -19.27 -2.69 -17.33
CA GLU A 17 -19.35 -1.94 -16.14
C GLU A 17 -19.78 -0.52 -16.45
N GLN A 18 -19.27 0.00 -17.54
CA GLN A 18 -19.67 1.34 -17.94
C GLN A 18 -21.19 1.46 -17.97
N ALA A 19 -21.77 0.49 -18.65
CA ALA A 19 -23.20 0.30 -18.78
C ALA A 19 -23.93 0.21 -17.44
N ARG A 20 -23.39 -0.65 -16.59
CA ARG A 20 -23.97 -0.95 -15.31
C ARG A 20 -24.03 0.28 -14.40
N ILE A 21 -22.95 1.07 -14.39
CA ILE A 21 -22.86 2.33 -13.66
C ILE A 21 -23.77 3.39 -14.32
N LYS A 22 -23.96 3.40 -15.64
CA LYS A 22 -24.87 4.39 -16.18
C LYS A 22 -26.32 4.19 -15.84
N THR A 23 -26.78 2.99 -15.97
CA THR A 23 -28.12 2.81 -15.48
C THR A 23 -28.40 3.06 -14.02
N PHE A 24 -27.37 2.90 -13.19
CA PHE A 24 -27.60 2.92 -11.76
C PHE A 24 -27.71 4.34 -11.40
N ARG A 25 -26.96 5.06 -12.17
CA ARG A 25 -26.91 6.41 -11.87
C ARG A 25 -28.22 7.07 -12.28
N GLN A 26 -28.68 6.62 -13.44
CA GLN A 26 -29.86 7.09 -14.15
C GLN A 26 -31.05 6.94 -13.26
N GLN A 27 -31.00 5.92 -12.48
CA GLN A 27 -32.05 5.81 -11.54
C GLN A 27 -31.73 6.33 -10.17
N HIS A 28 -30.47 6.26 -9.70
CA HIS A 28 -30.13 6.67 -8.33
C HIS A 28 -29.24 7.91 -8.05
N GLY A 29 -28.72 8.63 -9.08
CA GLY A 29 -27.78 9.74 -8.87
C GLY A 29 -28.23 10.78 -7.85
N GLY A 30 -29.55 10.85 -7.70
CA GLY A 30 -30.19 11.89 -6.92
C GLY A 30 -30.30 11.50 -5.47
N THR A 31 -30.16 10.22 -5.28
CA THR A 31 -30.26 9.62 -3.97
C THR A 31 -29.24 10.14 -2.98
N ALA A 32 -29.79 10.40 -1.82
CA ALA A 32 -28.95 10.90 -0.77
C ALA A 32 -28.38 9.72 -0.05
N LEU A 33 -27.05 9.73 0.04
CA LEU A 33 -26.22 8.70 0.57
C LEU A 33 -25.87 8.98 1.98
N GLY A 34 -25.93 10.25 2.28
CA GLY A 34 -25.46 10.75 3.55
C GLY A 34 -25.52 12.27 3.65
N GLN A 35 -25.24 12.73 4.88
CA GLN A 35 -25.23 14.12 5.24
C GLN A 35 -23.81 14.53 5.62
N ILE A 36 -23.55 15.84 5.61
CA ILE A 36 -22.28 16.44 5.98
C ILE A 36 -22.51 17.39 7.14
N THR A 37 -21.76 17.18 8.23
CA THR A 37 -21.89 18.07 9.36
C THR A 37 -20.66 18.92 9.52
N VAL A 38 -20.74 19.82 10.47
CA VAL A 38 -19.62 20.71 10.69
C VAL A 38 -18.42 19.91 11.16
N ASP A 39 -18.68 19.09 12.14
CA ASP A 39 -17.62 18.29 12.69
C ASP A 39 -16.87 17.44 11.68
N MET A 40 -17.61 17.00 10.67
CA MET A 40 -17.00 16.22 9.66
C MET A 40 -16.00 17.03 8.90
N SER A 41 -16.39 18.29 8.69
CA SER A 41 -15.62 19.20 7.89
C SER A 41 -14.30 19.54 8.55
N TYR A 42 -14.35 19.81 9.84
CA TYR A 42 -13.20 20.10 10.69
C TYR A 42 -12.39 18.87 11.08
N GLY A 43 -13.07 17.77 10.88
CA GLY A 43 -12.56 16.49 11.26
C GLY A 43 -11.94 15.61 10.19
N GLY A 44 -11.57 16.12 9.03
CA GLY A 44 -10.90 15.24 8.07
C GLY A 44 -11.80 14.28 7.32
N MET A 45 -12.99 14.79 7.02
CA MET A 45 -13.97 14.00 6.35
C MET A 45 -14.26 12.73 7.13
N ARG A 46 -14.04 12.71 8.42
CA ARG A 46 -14.25 11.44 9.10
C ARG A 46 -15.69 10.99 9.04
N GLY A 47 -15.89 9.79 8.51
CA GLY A 47 -17.22 9.28 8.37
C GLY A 47 -17.94 9.83 7.16
N MET A 48 -17.31 10.67 6.35
CA MET A 48 -17.98 11.11 5.13
C MET A 48 -17.81 10.09 4.01
N LYS A 49 -18.88 9.66 3.33
CA LYS A 49 -18.80 8.78 2.13
C LYS A 49 -18.53 9.63 0.87
N GLY A 50 -17.28 9.62 0.45
CA GLY A 50 -16.82 10.60 -0.49
C GLY A 50 -16.27 10.15 -1.81
N LEU A 51 -16.06 8.86 -2.02
CA LEU A 51 -15.39 8.39 -3.22
C LEU A 51 -15.87 7.04 -3.61
N VAL A 52 -15.80 6.76 -4.92
CA VAL A 52 -16.07 5.43 -5.41
C VAL A 52 -14.74 4.84 -5.72
N TYR A 53 -14.49 3.69 -5.16
CA TYR A 53 -13.22 3.04 -5.29
C TYR A 53 -13.46 1.55 -5.32
N GLU A 54 -13.15 0.97 -6.45
CA GLU A 54 -13.64 -0.38 -6.66
C GLU A 54 -12.95 -1.56 -6.03
N THR A 55 -11.65 -1.44 -5.95
CA THR A 55 -10.90 -2.63 -5.73
C THR A 55 -11.08 -3.21 -4.38
N SER A 56 -11.30 -2.41 -3.39
CA SER A 56 -11.39 -3.00 -2.07
C SER A 56 -12.26 -2.16 -1.17
N VAL A 57 -12.86 -2.78 -0.16
CA VAL A 57 -13.78 -2.04 0.69
C VAL A 57 -13.44 -2.31 2.13
N LEU A 58 -13.41 -1.32 2.99
CA LEU A 58 -13.03 -1.65 4.34
C LEU A 58 -14.21 -1.67 5.24
N ASP A 59 -14.41 -2.77 5.96
CA ASP A 59 -15.45 -2.83 6.96
C ASP A 59 -14.83 -2.52 8.32
N PRO A 60 -15.32 -1.53 9.02
CA PRO A 60 -14.97 -1.12 10.39
C PRO A 60 -14.77 -2.22 11.41
N ASP A 61 -15.60 -3.25 11.27
CA ASP A 61 -15.52 -4.41 12.14
C ASP A 61 -14.79 -5.56 11.57
N GLU A 62 -15.07 -5.98 10.36
CA GLU A 62 -14.42 -7.16 9.88
C GLU A 62 -13.08 -6.84 9.23
N GLY A 63 -12.87 -5.60 8.83
CA GLY A 63 -11.60 -5.33 8.15
C GLY A 63 -11.66 -5.41 6.60
N ILE A 64 -10.52 -5.37 5.90
CA ILE A 64 -10.51 -5.18 4.42
C ILE A 64 -11.08 -6.35 3.61
N ARG A 65 -11.66 -6.17 2.39
CA ARG A 65 -12.01 -7.25 1.44
C ARG A 65 -11.57 -6.80 0.06
N PHE A 66 -10.75 -7.61 -0.56
CA PHE A 66 -10.35 -7.57 -1.95
C PHE A 66 -11.56 -7.94 -2.85
N ARG A 67 -12.07 -9.01 -3.42
CA ARG A 67 -13.37 -8.56 -4.00
C ARG A 67 -14.25 -8.15 -2.85
N GLY A 68 -14.77 -9.26 -2.48
CA GLY A 68 -15.48 -9.52 -1.27
C GLY A 68 -14.64 -10.56 -0.58
N PHE A 69 -13.39 -10.71 -1.06
CA PHE A 69 -12.43 -11.60 -0.41
C PHE A 69 -11.64 -11.08 0.80
N SER A 70 -11.78 -11.80 1.90
CA SER A 70 -11.01 -11.48 3.06
C SER A 70 -9.60 -12.01 2.93
N ILE A 71 -8.80 -11.42 3.75
CA ILE A 71 -7.49 -11.89 3.87
C ILE A 71 -7.41 -13.38 4.05
N PRO A 72 -8.15 -14.03 4.98
CA PRO A 72 -8.05 -15.47 5.13
C PRO A 72 -8.43 -16.17 3.87
N GLU A 73 -9.44 -15.61 3.27
CA GLU A 73 -9.88 -16.11 1.97
C GLU A 73 -8.85 -16.02 0.85
N CYS A 74 -8.16 -14.90 0.79
CA CYS A 74 -7.13 -14.74 -0.20
C CYS A 74 -6.10 -15.82 0.04
N GLN A 75 -5.75 -15.94 1.30
CA GLN A 75 -4.70 -16.84 1.71
C GLN A 75 -5.00 -18.24 1.15
N LYS A 76 -6.23 -18.62 1.24
CA LYS A 76 -6.49 -19.92 0.72
C LYS A 76 -6.67 -20.02 -0.74
N LEU A 77 -7.28 -19.02 -1.40
CA LEU A 77 -7.68 -19.04 -2.79
C LEU A 77 -6.66 -18.63 -3.85
N LEU A 78 -5.74 -17.73 -3.51
CA LEU A 78 -4.76 -17.21 -4.45
C LEU A 78 -3.61 -18.16 -4.65
N PRO A 79 -3.17 -18.26 -5.88
CA PRO A 79 -2.03 -19.14 -6.08
C PRO A 79 -0.80 -18.77 -5.31
N LYS A 80 0.00 -19.80 -4.99
CA LYS A 80 1.20 -19.74 -4.16
C LYS A 80 2.45 -20.07 -4.96
N GLY A 81 3.64 -19.71 -4.50
CA GLY A 81 4.80 -20.15 -5.26
C GLY A 81 4.89 -21.66 -5.39
N GLY A 82 4.46 -22.50 -4.52
CA GLY A 82 4.88 -23.81 -4.92
C GLY A 82 4.34 -24.90 -4.11
N GLY A 84 5.75 -22.01 -0.56
CA GLY A 84 4.63 -22.55 -1.25
C GLY A 84 3.49 -22.31 -0.32
N GLY A 85 3.55 -21.43 0.66
CA GLY A 85 2.34 -21.35 1.48
C GLY A 85 1.75 -19.97 1.35
N GLU A 86 2.56 -19.02 0.99
CA GLU A 86 1.99 -17.69 0.93
C GLU A 86 1.50 -17.18 -0.39
N PRO A 87 0.40 -16.41 -0.44
CA PRO A 87 -0.12 -15.94 -1.72
C PRO A 87 0.83 -15.00 -2.49
N LEU A 88 0.90 -15.19 -3.83
CA LEU A 88 1.64 -14.37 -4.79
C LEU A 88 0.93 -13.03 -4.99
N PRO A 89 1.58 -11.92 -4.74
CA PRO A 89 0.99 -10.61 -4.95
C PRO A 89 0.52 -10.50 -6.39
N GLU A 90 1.24 -11.13 -7.30
CA GLU A 90 0.75 -11.26 -8.68
C GLU A 90 -0.74 -11.61 -8.82
N GLY A 91 -1.15 -12.71 -8.16
CA GLY A 91 -2.53 -13.17 -8.17
C GLY A 91 -3.45 -12.17 -7.48
N LEU A 92 -2.93 -11.49 -6.45
CA LEU A 92 -3.66 -10.41 -5.81
C LEU A 92 -4.06 -9.31 -6.80
N PHE A 93 -3.06 -8.97 -7.60
CA PHE A 93 -3.17 -7.93 -8.61
C PHE A 93 -4.28 -8.24 -9.61
N TRP A 94 -4.26 -9.49 -10.08
CA TRP A 94 -5.25 -9.95 -11.05
C TRP A 94 -6.60 -9.84 -10.45
N LEU A 95 -6.68 -10.24 -9.19
CA LEU A 95 -7.97 -10.20 -8.54
C LEU A 95 -8.52 -8.79 -8.49
N LEU A 96 -7.72 -7.86 -7.99
CA LEU A 96 -8.08 -6.47 -7.86
C LEU A 96 -8.55 -5.88 -9.15
N VAL A 97 -7.93 -6.26 -10.26
CA VAL A 97 -8.15 -5.58 -11.51
C VAL A 97 -9.37 -6.09 -12.15
N THR A 98 -9.41 -7.41 -12.07
CA THR A 98 -10.47 -8.17 -12.66
C THR A 98 -11.69 -8.50 -11.78
N GLY A 99 -11.62 -8.62 -10.46
CA GLY A 99 -12.81 -9.06 -9.74
C GLY A 99 -12.85 -10.58 -9.63
N GLN A 100 -11.90 -11.22 -10.30
CA GLN A 100 -11.90 -12.67 -10.28
C GLN A 100 -10.61 -13.34 -9.76
N ILE A 101 -10.68 -14.57 -9.27
CA ILE A 101 -9.52 -15.31 -8.78
C ILE A 101 -8.77 -15.88 -9.96
N PRO A 102 -7.53 -15.59 -10.03
CA PRO A 102 -6.83 -16.00 -11.20
C PRO A 102 -6.43 -17.46 -11.13
N THR A 103 -6.01 -18.05 -12.25
CA THR A 103 -5.53 -19.43 -12.29
C THR A 103 -4.01 -19.36 -12.17
N GLY A 104 -3.35 -20.44 -11.78
CA GLY A 104 -1.93 -20.35 -11.66
C GLY A 104 -1.33 -19.71 -12.91
N ALA A 105 -1.91 -20.17 -14.01
CA ALA A 105 -1.50 -19.87 -15.36
C ALA A 105 -1.65 -18.38 -15.67
N GLN A 106 -2.73 -17.79 -15.14
CA GLN A 106 -2.88 -16.34 -15.21
C GLN A 106 -1.71 -15.74 -14.46
N VAL A 107 -1.48 -16.30 -13.28
CA VAL A 107 -0.54 -15.74 -12.35
C VAL A 107 0.85 -15.76 -12.90
N SER A 108 1.23 -16.85 -13.54
CA SER A 108 2.54 -16.92 -14.16
C SER A 108 2.76 -15.84 -15.21
N TRP A 109 1.71 -15.56 -15.97
CA TRP A 109 1.71 -14.47 -16.95
C TRP A 109 2.06 -13.09 -16.33
N LEU A 110 1.41 -12.61 -15.24
CA LEU A 110 1.83 -11.34 -14.57
C LEU A 110 3.28 -11.40 -14.26
N SER A 111 3.70 -12.53 -13.67
CA SER A 111 5.08 -12.66 -13.31
C SER A 111 5.95 -12.41 -14.52
N LYS A 112 5.79 -13.19 -15.57
CA LYS A 112 6.69 -12.92 -16.68
C LYS A 112 6.67 -11.46 -17.23
N GLU A 113 5.45 -10.91 -17.28
CA GLU A 113 5.14 -9.59 -17.79
C GLU A 113 5.87 -8.55 -16.96
N TRP A 114 5.86 -8.75 -15.65
CA TRP A 114 6.53 -7.83 -14.77
C TRP A 114 7.99 -8.07 -14.86
N ALA A 115 8.31 -9.22 -15.28
CA ALA A 115 9.68 -9.40 -15.38
C ALA A 115 10.20 -8.75 -16.66
N LYS A 116 9.45 -8.90 -17.73
CA LYS A 116 9.92 -8.32 -18.96
C LYS A 116 10.04 -6.83 -18.85
N ARG A 117 9.15 -6.16 -18.15
CA ARG A 117 9.11 -4.71 -18.21
C ARG A 117 10.01 -3.91 -17.29
N ALA A 118 10.82 -4.59 -16.45
CA ALA A 118 11.50 -4.04 -15.28
C ALA A 118 12.75 -3.29 -15.58
N ALA A 119 12.74 -2.17 -16.21
CA ALA A 119 14.08 -1.78 -16.59
C ALA A 119 14.22 -0.32 -16.33
N LEU A 120 15.37 0.05 -15.86
CA LEU A 120 15.51 1.42 -15.46
C LEU A 120 16.33 2.19 -16.45
N PRO A 121 15.86 3.39 -16.70
CA PRO A 121 16.56 4.30 -17.56
C PRO A 121 17.74 4.89 -16.85
N SER A 122 18.68 5.25 -17.64
CA SER A 122 19.86 5.83 -17.12
C SER A 122 19.78 7.08 -16.23
N HIS A 123 18.85 7.97 -16.48
CA HIS A 123 18.88 9.15 -15.65
C HIS A 123 18.41 8.90 -14.22
N VAL A 124 17.54 7.90 -14.11
CA VAL A 124 17.12 7.46 -12.80
C VAL A 124 18.25 6.82 -11.96
N VAL A 125 18.96 5.87 -12.58
CA VAL A 125 20.04 5.19 -11.90
C VAL A 125 21.05 6.19 -11.40
N THR A 126 21.22 7.16 -12.25
CA THR A 126 22.13 8.22 -11.98
C THR A 126 21.75 9.03 -10.76
N MET A 127 20.53 9.50 -10.70
CA MET A 127 20.13 10.31 -9.58
C MET A 127 20.21 9.53 -8.24
N LEU A 128 19.80 8.28 -8.27
CA LEU A 128 19.79 7.39 -7.11
C LEU A 128 21.22 7.18 -6.57
N ASP A 129 22.12 6.87 -7.49
CA ASP A 129 23.54 6.78 -7.21
C ASP A 129 24.17 8.07 -6.63
N ASN A 130 23.71 9.31 -6.98
CA ASN A 130 24.20 10.56 -6.37
C ASN A 130 23.48 11.05 -5.14
N PHE A 131 22.37 10.48 -4.77
CA PHE A 131 21.64 10.97 -3.62
C PHE A 131 22.46 10.86 -2.31
N PRO A 132 22.32 11.73 -1.37
CA PRO A 132 23.13 11.65 -0.14
C PRO A 132 22.61 10.50 0.72
N THR A 133 23.34 9.90 1.65
CA THR A 133 22.70 8.94 2.54
C THR A 133 21.87 9.55 3.70
N ASN A 134 21.84 10.85 3.89
CA ASN A 134 20.90 11.30 4.90
C ASN A 134 19.56 11.64 4.22
N LEU A 135 19.36 11.39 2.92
CA LEU A 135 18.04 11.61 2.29
C LEU A 135 17.23 10.37 2.58
N HIS A 136 16.08 10.53 3.20
CA HIS A 136 15.27 9.40 3.56
C HIS A 136 14.89 8.53 2.37
N PRO A 137 14.87 7.22 2.62
CA PRO A 137 14.53 6.29 1.56
C PRO A 137 13.20 6.60 0.85
N MET A 138 12.24 7.09 1.60
CA MET A 138 10.95 7.36 1.00
C MET A 138 11.06 8.54 -0.01
N SER A 139 11.87 9.54 0.36
CA SER A 139 12.13 10.73 -0.42
C SER A 139 12.87 10.28 -1.61
N GLN A 140 13.79 9.41 -1.35
CA GLN A 140 14.49 8.94 -2.50
C GLN A 140 13.56 8.22 -3.48
N LEU A 141 12.68 7.41 -2.94
CA LEU A 141 11.78 6.64 -3.78
C LEU A 141 10.84 7.52 -4.61
N SER A 142 10.15 8.40 -3.91
CA SER A 142 9.28 9.37 -4.51
C SER A 142 10.00 10.23 -5.59
N ALA A 143 11.17 10.81 -5.34
CA ALA A 143 11.86 11.56 -6.42
C ALA A 143 12.22 10.70 -7.63
N ALA A 144 12.72 9.46 -7.40
CA ALA A 144 12.91 8.48 -8.49
C ALA A 144 11.66 8.21 -9.39
N ILE A 145 10.49 7.96 -8.77
CA ILE A 145 9.27 7.69 -9.49
C ILE A 145 8.75 8.88 -10.27
N THR A 146 8.95 10.07 -9.71
CA THR A 146 8.63 11.31 -10.42
C THR A 146 9.50 11.43 -11.65
N ALA A 147 10.78 11.19 -11.43
CA ALA A 147 11.75 11.21 -12.49
C ALA A 147 11.48 10.19 -13.58
N LEU A 148 10.82 9.07 -13.29
CA LEU A 148 10.53 8.09 -14.32
C LEU A 148 9.47 8.58 -15.29
N ASN A 149 8.80 9.69 -15.00
CA ASN A 149 7.70 10.16 -15.81
C ASN A 149 8.07 10.52 -17.25
N SER A 150 9.41 10.64 -17.40
CA SER A 150 10.14 10.74 -18.64
C SER A 150 9.57 9.74 -19.62
N GLU A 151 9.26 8.63 -19.03
CA GLU A 151 8.95 7.47 -19.77
C GLU A 151 7.48 7.16 -19.93
N SER A 152 6.59 8.01 -19.38
CA SER A 152 5.16 7.73 -19.34
C SER A 152 4.50 7.57 -20.70
N ASN A 153 3.91 6.41 -20.97
CA ASN A 153 3.17 6.14 -22.21
C ASN A 153 1.88 6.97 -22.22
N PHE A 154 1.30 7.26 -21.06
CA PHE A 154 0.08 8.06 -21.01
C PHE A 154 0.38 9.55 -21.28
N ALA A 155 1.47 10.05 -20.65
CA ALA A 155 1.98 11.40 -20.81
C ALA A 155 2.14 11.70 -22.28
N ARG A 156 2.71 10.73 -22.98
CA ARG A 156 2.98 10.85 -24.42
C ARG A 156 1.73 10.73 -25.32
N ALA A 157 0.86 9.82 -24.96
CA ALA A 157 -0.36 9.68 -25.72
C ALA A 157 -1.27 10.94 -25.64
N TYR A 158 -1.37 11.54 -24.41
CA TYR A 158 -2.11 12.76 -24.06
C TYR A 158 -1.62 13.94 -24.89
N ALA A 159 -0.27 14.06 -24.95
CA ALA A 159 0.45 15.04 -25.77
C ALA A 159 0.16 14.82 -27.23
N GLU A 160 0.03 13.58 -27.65
CA GLU A 160 -0.43 13.40 -28.99
C GLU A 160 -1.91 13.65 -29.21
N GLY A 161 -2.74 13.81 -28.18
CA GLY A 161 -4.12 14.17 -28.50
C GLY A 161 -5.16 13.03 -28.55
N ILE A 162 -4.82 11.89 -27.99
CA ILE A 162 -5.76 10.77 -28.03
C ILE A 162 -7.12 11.11 -27.45
N LEU A 163 -8.06 10.40 -28.02
CA LEU A 163 -9.40 10.49 -27.56
C LEU A 163 -9.48 10.07 -26.11
N ARG A 164 -10.25 10.77 -25.25
CA ARG A 164 -10.37 10.37 -23.83
C ARG A 164 -10.75 8.94 -23.61
N THR A 165 -11.45 8.35 -24.53
CA THR A 165 -11.88 6.97 -24.37
C THR A 165 -10.84 5.89 -24.20
N LYS A 166 -9.77 6.10 -24.86
CA LYS A 166 -8.65 5.20 -24.79
C LYS A 166 -7.71 5.42 -23.60
N TYR A 167 -7.99 6.41 -22.75
CA TYR A 167 -7.04 6.71 -21.67
C TYR A 167 -6.60 5.45 -20.88
N TRP A 168 -7.59 4.75 -20.44
CA TRP A 168 -7.37 3.53 -19.68
C TRP A 168 -6.33 2.59 -20.24
N GLU A 169 -6.24 2.50 -21.55
CA GLU A 169 -5.26 1.65 -22.18
C GLU A 169 -3.81 2.04 -21.97
N MET A 170 -3.51 3.34 -21.89
CA MET A 170 -2.17 3.85 -21.74
C MET A 170 -1.83 3.89 -20.28
N VAL A 171 -2.90 4.09 -19.50
CA VAL A 171 -2.77 3.98 -18.05
C VAL A 171 -2.28 2.56 -17.70
N TYR A 172 -2.99 1.59 -18.23
CA TYR A 172 -2.69 0.22 -17.97
C TYR A 172 -1.22 -0.08 -18.29
N GLU A 173 -0.76 0.36 -19.45
CA GLU A 173 0.64 0.10 -19.78
C GLU A 173 1.57 0.73 -18.78
N SER A 174 1.33 2.01 -18.53
CA SER A 174 2.19 2.73 -17.65
C SER A 174 2.18 2.20 -16.15
N ALA A 175 0.98 1.64 -15.67
CA ALA A 175 0.79 0.79 -14.45
C ALA A 175 1.66 -0.49 -14.40
N MET A 176 1.60 -1.25 -15.48
CA MET A 176 2.32 -2.50 -15.57
C MET A 176 3.83 -2.27 -15.61
N ASP A 177 4.26 -1.21 -16.31
CA ASP A 177 5.66 -0.85 -16.35
C ASP A 177 6.12 -0.34 -15.02
N LEU A 178 5.27 0.43 -14.38
CA LEU A 178 5.59 0.97 -13.06
C LEU A 178 5.76 -0.15 -12.04
N ILE A 179 4.80 -1.05 -11.98
CA ILE A 179 4.91 -2.14 -11.01
C ILE A 179 6.14 -2.97 -11.24
N ALA A 180 6.43 -3.20 -12.51
CA ALA A 180 7.63 -3.90 -12.93
C ALA A 180 8.91 -3.24 -12.41
N LYS A 181 8.98 -1.92 -12.43
CA LYS A 181 10.22 -1.26 -12.14
C LYS A 181 10.49 -1.03 -10.69
N LEU A 182 9.41 -0.93 -9.96
CA LEU A 182 9.47 -0.57 -8.55
C LEU A 182 10.53 -1.28 -7.71
N PRO A 183 10.48 -2.61 -7.69
CA PRO A 183 11.42 -3.42 -6.92
C PRO A 183 12.83 -3.08 -7.33
N CYS A 184 13.02 -2.64 -8.56
CA CYS A 184 14.39 -2.32 -9.00
C CYS A 184 14.89 -1.04 -8.38
N VAL A 185 13.96 -0.10 -8.34
CA VAL A 185 14.20 1.18 -7.73
C VAL A 185 14.43 1.01 -6.25
N ALA A 186 13.48 0.30 -5.62
CA ALA A 186 13.45 0.04 -4.20
C ALA A 186 14.75 -0.64 -3.72
N ALA A 187 15.23 -1.60 -4.53
CA ALA A 187 16.42 -2.37 -4.24
C ALA A 187 17.66 -1.60 -4.49
N LYS A 188 17.66 -0.78 -5.52
CA LYS A 188 18.77 0.11 -5.73
C LYS A 188 19.03 1.07 -4.55
N ILE A 189 17.94 1.56 -3.97
CA ILE A 189 18.00 2.43 -2.80
C ILE A 189 18.65 1.67 -1.65
N TYR A 190 18.21 0.42 -1.58
CA TYR A 190 18.60 -0.49 -0.50
C TYR A 190 20.09 -0.75 -0.45
N ARG A 191 20.56 -1.09 -1.61
CA ARG A 191 21.91 -1.49 -1.91
C ARG A 191 22.82 -0.25 -1.81
N ASN A 192 22.39 0.87 -2.34
CA ASN A 192 23.16 2.08 -2.17
C ASN A 192 23.32 2.52 -0.74
N LEU A 193 22.25 2.56 0.00
CA LEU A 193 22.37 3.01 1.38
C LEU A 193 23.04 2.01 2.34
N TYR A 194 22.59 0.78 2.33
CA TYR A 194 23.01 -0.25 3.27
C TYR A 194 24.04 -1.26 2.76
N ARG A 195 24.23 -1.34 1.46
CA ARG A 195 25.18 -2.34 0.93
C ARG A 195 26.17 -1.75 -0.02
N ALA A 196 26.68 -0.60 0.31
CA ALA A 196 27.44 0.21 -0.61
C ALA A 196 28.52 -0.51 -1.44
N GLY A 197 28.52 -0.31 -2.78
CA GLY A 197 29.49 -0.95 -3.67
C GLY A 197 29.00 -2.24 -4.35
N SER A 198 27.87 -2.72 -3.92
CA SER A 198 27.30 -3.95 -4.44
C SER A 198 26.32 -3.65 -5.58
N SER A 199 25.70 -4.61 -6.26
CA SER A 199 24.83 -4.27 -7.39
C SER A 199 23.53 -5.04 -7.31
N ILE A 200 22.45 -4.52 -7.88
CA ILE A 200 21.22 -5.24 -7.65
C ILE A 200 21.14 -6.42 -8.53
N GLY A 201 21.95 -6.45 -9.52
CA GLY A 201 21.76 -7.71 -10.17
C GLY A 201 20.68 -7.66 -11.23
N ALA A 202 20.36 -8.82 -11.83
CA ALA A 202 19.42 -8.85 -12.94
C ALA A 202 18.18 -9.60 -12.56
N ILE A 203 17.15 -9.39 -13.37
CA ILE A 203 15.84 -9.90 -13.09
C ILE A 203 15.78 -11.20 -13.85
N ASP A 204 15.25 -12.24 -13.24
CA ASP A 204 15.18 -13.53 -13.88
C ASP A 204 13.73 -13.77 -14.14
N SER A 205 13.46 -13.87 -15.40
CA SER A 205 12.13 -14.01 -15.87
C SER A 205 11.43 -15.20 -15.34
N LYS A 206 12.18 -16.10 -14.79
CA LYS A 206 11.48 -17.26 -14.36
C LYS A 206 11.09 -17.17 -12.89
N LEU A 207 11.48 -16.11 -12.23
CA LEU A 207 10.99 -16.02 -10.88
C LEU A 207 9.77 -15.13 -10.77
N ASP A 208 9.00 -15.30 -9.68
CA ASP A 208 7.88 -14.45 -9.29
C ASP A 208 8.48 -13.11 -8.84
N TRP A 209 7.69 -12.06 -8.93
CA TRP A 209 8.10 -10.69 -8.58
C TRP A 209 8.77 -10.58 -7.22
N SER A 210 8.19 -11.26 -6.20
CA SER A 210 8.64 -11.18 -4.80
C SER A 210 10.07 -11.70 -4.61
N HIS A 211 10.24 -12.87 -5.18
CA HIS A 211 11.50 -13.56 -5.25
C HIS A 211 12.57 -12.75 -6.00
N ASN A 212 12.28 -12.14 -7.15
CA ASN A 212 13.29 -11.26 -7.79
C ASN A 212 13.66 -10.08 -6.88
N PHE A 213 12.63 -9.59 -6.19
CA PHE A 213 12.75 -8.50 -5.25
C PHE A 213 13.75 -8.83 -4.14
N THR A 214 13.52 -9.93 -3.44
CA THR A 214 14.44 -10.46 -2.42
C THR A 214 15.83 -10.79 -2.96
N ASN A 215 15.96 -11.32 -4.13
CA ASN A 215 17.31 -11.43 -4.64
C ASN A 215 17.99 -10.09 -4.79
N MET A 216 17.28 -9.14 -5.40
CA MET A 216 17.84 -7.82 -5.54
C MET A 216 18.21 -7.19 -4.20
N LEU A 217 17.38 -7.43 -3.16
CA LEU A 217 17.66 -6.96 -1.83
C LEU A 217 18.87 -7.67 -1.28
N GLY A 218 19.10 -8.90 -1.69
CA GLY A 218 20.25 -9.63 -1.15
C GLY A 218 19.81 -10.70 -0.15
N TYR A 219 18.55 -11.03 -0.08
CA TYR A 219 18.24 -12.01 0.93
C TYR A 219 18.13 -13.41 0.38
N THR A 220 18.75 -14.38 1.05
CA THR A 220 18.68 -15.76 0.59
C THR A 220 17.63 -16.58 1.29
N ASP A 221 17.37 -16.30 2.57
CA ASP A 221 16.54 -17.19 3.37
C ASP A 221 15.27 -17.50 2.63
N ALA A 222 14.98 -18.78 2.51
CA ALA A 222 13.78 -19.20 1.85
C ALA A 222 12.50 -18.67 2.56
N GLN A 223 12.47 -18.55 3.90
CA GLN A 223 11.26 -18.06 4.60
C GLN A 223 11.07 -16.54 4.45
N PHE A 224 12.16 -15.85 4.26
CA PHE A 224 12.09 -14.42 3.98
C PHE A 224 11.21 -14.14 2.75
N THR A 225 11.47 -14.97 1.73
CA THR A 225 10.80 -14.84 0.44
C THR A 225 9.30 -14.94 0.73
N GLU A 226 8.95 -15.96 1.53
CA GLU A 226 7.58 -16.25 1.91
C GLU A 226 7.00 -15.06 2.63
N LEU A 227 7.83 -14.48 3.51
CA LEU A 227 7.45 -13.28 4.22
C LEU A 227 7.12 -12.16 3.25
N MET A 228 8.04 -11.99 2.30
CA MET A 228 7.87 -10.97 1.30
C MET A 228 6.57 -11.11 0.54
N ARG A 229 6.23 -12.31 0.10
CA ARG A 229 4.98 -12.55 -0.63
C ARG A 229 3.73 -12.21 0.14
N LEU A 230 3.64 -12.64 1.36
CA LEU A 230 2.53 -12.22 2.16
C LEU A 230 2.54 -10.71 2.39
N TYR A 231 3.70 -10.13 2.70
CA TYR A 231 3.78 -8.72 3.05
C TYR A 231 3.28 -7.79 1.97
N LEU A 232 3.78 -8.08 0.80
CA LEU A 232 3.43 -7.36 -0.41
C LEU A 232 1.95 -7.60 -0.86
N THR A 233 1.36 -8.73 -0.52
CA THR A 233 -0.06 -8.95 -0.79
C THR A 233 -0.94 -8.23 0.21
N ILE A 234 -0.58 -8.28 1.48
CA ILE A 234 -1.46 -7.72 2.47
C ILE A 234 -1.52 -6.22 2.50
N HIS A 235 -0.42 -5.62 2.13
CA HIS A 235 -0.29 -4.18 2.13
C HIS A 235 -0.92 -3.59 0.86
N SER A 236 -1.29 -4.47 -0.08
CA SER A 236 -1.92 -4.14 -1.34
C SER A 236 -2.66 -2.84 -1.48
N ASP A 237 -3.75 -2.91 -0.78
CA ASP A 237 -4.79 -1.93 -0.93
C ASP A 237 -5.59 -1.81 0.36
N HIS A 238 -6.20 -0.67 0.61
CA HIS A 238 -7.05 -0.58 1.80
C HIS A 238 -8.11 0.45 1.58
N GLU A 239 -8.92 0.15 0.60
CA GLU A 239 -9.95 1.06 0.17
C GLU A 239 -9.40 2.38 -0.35
N GLY A 240 -10.27 3.33 -0.78
CA GLY A 240 -9.94 4.58 -1.47
C GLY A 240 -9.65 5.78 -0.57
N GLY A 241 -10.11 5.72 0.67
CA GLY A 241 -10.03 6.87 1.55
C GLY A 241 -8.73 7.14 2.29
N ASN A 242 -7.84 6.16 2.21
CA ASN A 242 -6.60 6.28 2.92
C ASN A 242 -5.74 7.37 2.30
N VAL A 243 -4.83 8.02 3.03
CA VAL A 243 -4.07 9.12 2.43
C VAL A 243 -3.38 8.76 1.09
N SER A 244 -2.67 7.63 1.11
CA SER A 244 -1.91 7.26 -0.07
C SER A 244 -2.81 7.00 -1.27
N ALA A 245 -3.79 6.12 -1.12
CA ALA A 245 -4.68 5.86 -2.23
C ALA A 245 -5.43 7.11 -2.67
N HIS A 246 -6.03 7.80 -1.74
CA HIS A 246 -6.78 9.00 -2.11
C HIS A 246 -5.93 10.01 -2.84
N THR A 247 -4.68 10.18 -2.39
CA THR A 247 -3.74 11.05 -3.09
C THR A 247 -3.53 10.65 -4.53
N SER A 248 -3.32 9.35 -4.75
CA SER A 248 -3.21 8.91 -6.11
C SER A 248 -4.45 9.21 -6.87
N HIS A 249 -5.61 8.99 -6.27
CA HIS A 249 -6.86 9.11 -6.98
C HIS A 249 -7.10 10.55 -7.34
N LEU A 250 -6.82 11.39 -6.37
CA LEU A 250 -6.91 12.81 -6.55
C LEU A 250 -6.02 13.36 -7.65
N VAL A 251 -4.74 13.03 -7.64
CA VAL A 251 -3.79 13.54 -8.61
C VAL A 251 -4.07 12.96 -10.01
N GLY A 252 -4.32 11.65 -10.03
CA GLY A 252 -4.64 10.94 -11.25
C GLY A 252 -5.89 11.56 -11.92
N SER A 253 -6.86 12.07 -11.12
CA SER A 253 -8.10 12.68 -11.63
C SER A 253 -7.83 13.86 -12.55
N ALA A 254 -6.72 14.52 -12.28
CA ALA A 254 -6.29 15.66 -13.09
C ALA A 254 -5.52 15.30 -14.34
N LEU A 255 -5.41 14.00 -14.61
CA LEU A 255 -4.75 13.49 -15.79
C LEU A 255 -3.21 13.56 -15.74
N SER A 256 -2.66 13.69 -14.51
CA SER A 256 -1.27 13.39 -14.28
C SER A 256 -1.11 11.90 -14.49
N ASP A 257 -0.01 11.52 -15.16
CA ASP A 257 0.29 10.14 -15.49
C ASP A 257 0.44 9.30 -14.23
N PRO A 258 0.38 7.97 -14.39
CA PRO A 258 0.53 7.06 -13.26
C PRO A 258 1.79 7.23 -12.40
N TYR A 259 2.90 7.69 -13.02
CA TYR A 259 4.14 7.91 -12.30
C TYR A 259 4.00 9.06 -11.35
N LEU A 260 3.48 10.17 -11.81
CA LEU A 260 3.35 11.29 -10.94
C LEU A 260 2.32 11.03 -9.89
N SER A 261 1.31 10.27 -10.22
CA SER A 261 0.32 10.11 -9.21
C SER A 261 0.74 9.19 -8.07
N PHE A 262 1.49 8.14 -8.40
CA PHE A 262 2.04 7.16 -7.43
C PHE A 262 3.06 7.86 -6.51
N ALA A 263 3.94 8.66 -7.12
CA ALA A 263 4.92 9.45 -6.35
C ALA A 263 4.32 10.39 -5.28
N ALA A 264 3.26 11.11 -5.68
CA ALA A 264 2.53 11.95 -4.75
C ALA A 264 1.99 11.06 -3.65
N ALA A 265 1.48 9.88 -4.03
CA ALA A 265 0.90 8.92 -3.08
C ALA A 265 1.95 8.54 -2.04
N MET A 266 3.13 8.36 -2.57
CA MET A 266 4.27 8.10 -1.71
C MET A 266 4.57 9.22 -0.72
N ASN A 267 4.44 10.47 -1.11
CA ASN A 267 4.72 11.52 -0.17
C ASN A 267 3.74 11.45 1.02
N GLY A 268 2.53 10.96 0.72
CA GLY A 268 1.48 10.80 1.71
C GLY A 268 1.83 9.62 2.61
N LEU A 269 2.19 8.48 2.00
CA LEU A 269 2.63 7.26 2.73
C LEU A 269 3.76 7.56 3.74
N ALA A 270 4.59 8.52 3.37
CA ALA A 270 5.69 8.93 4.21
C ALA A 270 5.26 9.72 5.41
N GLY A 271 4.02 10.10 5.63
CA GLY A 271 3.78 10.85 6.86
C GLY A 271 3.62 9.93 8.11
N PRO A 272 4.10 10.32 9.30
CA PRO A 272 4.00 9.50 10.53
C PRO A 272 2.62 8.89 10.88
N LEU A 273 1.55 9.56 10.54
CA LEU A 273 0.23 9.04 10.85
C LEU A 273 -0.22 8.04 9.80
N HIS A 274 0.58 7.91 8.75
CA HIS A 274 0.29 6.97 7.67
C HIS A 274 1.31 5.82 7.62
N GLY A 275 1.88 5.52 6.44
CA GLY A 275 2.81 4.41 6.35
C GLY A 275 4.11 4.53 7.12
N LEU A 276 4.59 5.73 7.41
CA LEU A 276 5.83 5.79 8.17
C LEU A 276 5.70 5.16 9.56
N ALA A 277 4.46 5.02 10.06
CA ALA A 277 4.16 4.31 11.31
C ALA A 277 4.95 2.97 11.41
N ASN A 278 5.15 2.23 10.23
CA ASN A 278 6.15 1.18 9.93
C ASN A 278 7.31 1.29 10.84
N GLN A 279 7.88 2.39 10.50
CA GLN A 279 9.17 2.77 10.92
C GLN A 279 9.17 3.29 12.32
N GLU A 280 8.10 3.99 12.65
CA GLU A 280 8.00 4.64 13.94
C GLU A 280 7.84 3.63 15.05
N VAL A 281 7.10 2.59 14.72
CA VAL A 281 6.91 1.42 15.58
C VAL A 281 8.25 0.88 16.11
N LEU A 282 9.09 0.45 15.18
CA LEU A 282 10.39 -0.08 15.50
C LEU A 282 11.31 0.80 16.32
N GLY A 283 11.31 2.08 15.96
CA GLY A 283 12.08 3.05 16.69
C GLY A 283 11.61 3.27 18.13
N TRP A 284 10.32 3.15 18.32
CA TRP A 284 9.76 3.35 19.62
C TRP A 284 10.03 2.13 20.42
N LEU A 285 10.00 1.00 19.72
CA LEU A 285 10.28 -0.27 20.37
C LEU A 285 11.72 -0.32 20.76
N ALA A 286 12.54 0.07 19.77
CA ALA A 286 13.94 0.26 19.93
C ALA A 286 14.31 1.19 21.12
N GLN A 287 13.70 2.35 21.34
CA GLN A 287 13.92 3.16 22.56
C GLN A 287 13.40 2.49 23.85
N LEU A 288 12.26 1.82 23.71
CA LEU A 288 11.57 1.21 24.84
C LEU A 288 12.61 0.31 25.44
N GLN A 289 13.05 -0.62 24.68
CA GLN A 289 14.04 -1.50 25.22
C GLN A 289 15.31 -0.88 25.71
N LYS A 290 15.65 0.28 25.24
CA LYS A 290 16.87 0.89 25.71
C LYS A 290 16.70 1.38 27.14
N ALA A 291 15.59 2.11 27.28
CA ALA A 291 15.18 2.68 28.55
C ALA A 291 14.71 1.56 29.43
N ALA A 295 13.43 -7.37 28.55
CA ALA A 295 12.52 -8.01 29.50
C ALA A 295 11.91 -7.20 30.71
N GLY A 296 10.99 -6.26 30.41
CA GLY A 296 10.25 -5.46 31.38
C GLY A 296 8.91 -6.02 31.91
N ALA A 297 8.51 -5.43 33.05
CA ALA A 297 7.25 -5.58 33.78
C ALA A 297 6.10 -4.97 33.01
N ASP A 298 4.89 -5.50 33.08
CA ASP A 298 3.80 -4.76 32.46
C ASP A 298 3.68 -3.38 33.06
N ALA A 299 3.95 -3.24 34.33
CA ALA A 299 3.87 -1.90 34.87
C ALA A 299 4.89 -0.89 34.32
N SER A 300 6.13 -1.32 34.05
CA SER A 300 7.14 -0.41 33.51
C SER A 300 6.77 -0.07 32.02
N LEU A 301 6.07 -1.03 31.40
CA LEU A 301 5.59 -0.97 30.03
C LEU A 301 4.48 0.04 30.07
N ARG A 302 3.86 0.09 31.20
CA ARG A 302 2.79 0.98 31.17
C ARG A 302 3.16 2.44 31.44
N ASP A 303 4.13 2.61 32.32
CA ASP A 303 4.72 3.91 32.56
C ASP A 303 5.23 4.52 31.28
N TYR A 304 5.84 3.69 30.49
CA TYR A 304 6.42 4.12 29.24
C TYR A 304 5.43 4.64 28.21
N ILE A 305 4.30 3.95 28.04
CA ILE A 305 3.22 4.35 27.18
C ILE A 305 2.62 5.66 27.67
N TRP A 306 2.43 5.81 28.98
CA TRP A 306 1.92 7.06 29.56
C TRP A 306 2.83 8.28 29.29
N ASN A 307 4.09 8.04 29.43
CA ASN A 307 5.08 9.05 29.21
C ASN A 307 4.98 9.55 27.75
N THR A 308 4.70 8.65 26.79
CA THR A 308 4.49 9.04 25.37
C THR A 308 3.28 9.91 25.25
N LEU A 309 2.16 9.37 25.75
CA LEU A 309 0.90 10.05 25.71
C LEU A 309 0.99 11.44 26.39
N ASN A 310 1.70 11.47 27.52
CA ASN A 310 1.76 12.68 28.28
C ASN A 310 2.52 13.74 27.55
N SER A 311 3.40 13.29 26.67
CA SER A 311 4.29 14.11 25.94
C SER A 311 3.71 14.67 24.68
N GLY A 312 2.45 14.45 24.47
CA GLY A 312 1.90 15.04 23.25
C GLY A 312 2.33 14.30 21.99
N ARG A 313 2.61 13.00 22.13
CA ARG A 313 2.92 12.10 21.02
C ARG A 313 1.94 10.99 20.84
N VAL A 314 1.93 10.35 19.67
CA VAL A 314 1.09 9.19 19.54
C VAL A 314 1.90 7.94 19.78
N VAL A 315 1.13 6.95 20.20
CA VAL A 315 1.59 5.59 20.23
C VAL A 315 1.51 5.04 18.80
N PRO A 316 2.63 4.74 18.17
CA PRO A 316 2.61 4.30 16.78
C PRO A 316 2.05 2.87 16.67
N GLY A 317 1.22 2.53 15.64
CA GLY A 317 0.83 1.17 15.33
C GLY A 317 -0.51 0.78 15.92
N TYR A 318 -1.12 1.75 16.58
CA TYR A 318 -2.39 1.61 17.29
C TYR A 318 -3.35 2.67 16.86
N GLY A 319 -4.61 2.30 16.69
CA GLY A 319 -5.59 3.24 16.23
C GLY A 319 -5.78 3.14 14.74
N HIS A 320 -6.88 3.66 14.30
CA HIS A 320 -7.20 3.64 12.88
C HIS A 320 -8.33 4.63 12.55
N ALA A 321 -8.34 5.32 11.39
CA ALA A 321 -9.45 6.23 11.08
C ALA A 321 -10.80 5.52 10.82
N VAL A 322 -10.73 4.28 10.37
CA VAL A 322 -11.94 3.53 9.99
C VAL A 322 -12.16 2.23 10.84
N LEU A 323 -11.12 1.42 10.98
CA LEU A 323 -11.19 0.21 11.77
C LEU A 323 -11.54 0.52 13.18
N ARG A 324 -12.36 -0.35 13.73
CA ARG A 324 -12.77 -0.25 15.09
C ARG A 324 -12.43 -1.50 15.88
N LYS A 325 -11.74 -2.44 15.26
CA LYS A 325 -11.40 -3.72 15.86
C LYS A 325 -9.97 -4.00 15.44
N THR A 326 -9.39 -5.02 16.04
CA THR A 326 -8.05 -5.37 15.67
C THR A 326 -7.96 -5.63 14.20
N ASP A 327 -7.00 -4.98 13.57
CA ASP A 327 -6.75 -5.19 12.16
C ASP A 327 -6.47 -6.67 11.88
N PRO A 328 -7.13 -7.24 10.91
CA PRO A 328 -6.86 -8.60 10.53
C PRO A 328 -5.51 -8.66 9.90
N ARG A 329 -5.00 -7.55 9.44
CA ARG A 329 -3.69 -7.61 8.85
C ARG A 329 -2.67 -7.89 9.99
N TYR A 330 -3.02 -7.39 11.16
CA TYR A 330 -2.25 -7.57 12.38
C TYR A 330 -2.30 -9.03 12.78
N THR A 331 -3.48 -9.58 12.79
CA THR A 331 -3.63 -10.98 13.11
C THR A 331 -2.89 -11.92 12.17
N CYS A 332 -3.07 -11.62 10.90
CA CYS A 332 -2.35 -12.18 9.81
C CYS A 332 -0.83 -12.25 10.10
N GLN A 333 -0.27 -11.18 10.59
CA GLN A 333 1.15 -11.08 10.83
C GLN A 333 1.60 -11.90 12.03
N ARG A 334 0.72 -11.87 13.01
CA ARG A 334 0.93 -12.53 14.28
C ARG A 334 0.99 -14.01 14.09
N GLU A 335 0.02 -14.42 13.33
CA GLU A 335 -0.05 -15.79 13.00
C GLU A 335 1.20 -16.25 12.21
N PHE A 336 1.81 -15.40 11.39
CA PHE A 336 3.07 -15.75 10.73
C PHE A 336 4.16 -15.89 11.77
N ALA A 337 4.24 -14.93 12.71
CA ALA A 337 5.26 -15.02 13.77
C ALA A 337 5.18 -16.33 14.61
N LEU A 338 3.96 -16.64 15.01
CA LEU A 338 3.72 -17.78 15.85
C LEU A 338 4.14 -19.01 15.14
N LYS A 339 4.12 -19.00 13.78
CA LYS A 339 4.54 -20.21 13.03
C LYS A 339 6.02 -20.35 12.89
N HIS A 340 6.64 -19.19 12.69
CA HIS A 340 8.04 -19.03 12.31
C HIS A 340 8.97 -18.39 13.32
N LEU A 341 8.56 -17.48 14.18
CA LEU A 341 9.58 -16.82 14.98
C LEU A 341 9.02 -16.56 16.38
N PRO A 342 8.42 -17.63 16.89
CA PRO A 342 7.68 -17.51 18.10
C PRO A 342 8.56 -17.19 19.33
N GLY A 343 9.88 -17.38 19.30
CA GLY A 343 10.71 -17.06 20.47
C GLY A 343 11.46 -15.74 20.40
N ASP A 344 11.21 -15.04 19.32
CA ASP A 344 11.86 -13.78 19.10
C ASP A 344 11.42 -12.78 20.13
N PRO A 345 12.38 -12.31 20.88
CA PRO A 345 12.16 -11.33 21.94
C PRO A 345 11.50 -10.03 21.50
N MET A 346 11.75 -9.55 20.25
CA MET A 346 11.01 -8.42 19.66
C MET A 346 9.53 -8.80 19.52
N PHE A 347 9.28 -10.00 19.03
CA PHE A 347 7.95 -10.53 18.79
C PHE A 347 7.19 -10.63 20.08
N LYS A 348 7.88 -11.19 21.08
CA LYS A 348 7.31 -11.28 22.38
C LYS A 348 6.98 -9.92 23.00
N LEU A 349 7.81 -8.90 22.81
CA LEU A 349 7.46 -7.56 23.25
C LEU A 349 6.23 -7.07 22.52
N VAL A 350 6.16 -7.29 21.22
CA VAL A 350 4.97 -6.87 20.53
C VAL A 350 3.78 -7.65 21.05
N ALA A 351 3.99 -8.90 21.41
CA ALA A 351 2.84 -9.63 21.91
C ALA A 351 2.39 -9.11 23.24
N GLN A 352 3.30 -8.64 24.03
CA GLN A 352 2.97 -8.14 25.35
C GLN A 352 2.32 -6.75 25.30
N LEU A 353 2.71 -5.97 24.32
CA LEU A 353 2.14 -4.66 24.13
C LEU A 353 0.68 -4.71 23.83
N TYR A 354 0.32 -5.76 23.09
CA TYR A 354 -1.04 -6.06 22.71
C TYR A 354 -1.92 -6.23 23.92
N LYS A 355 -1.31 -6.80 24.98
CA LYS A 355 -1.91 -6.88 26.30
C LYS A 355 -2.06 -5.59 27.04
N ILE A 356 -1.21 -4.62 26.74
CA ILE A 356 -1.20 -3.40 27.50
C ILE A 356 -1.73 -2.14 26.79
N VAL A 357 -1.15 -1.77 25.64
CA VAL A 357 -1.51 -0.59 24.87
C VAL A 357 -3.01 -0.23 24.79
N PRO A 358 -3.84 -1.14 24.30
CA PRO A 358 -5.24 -0.85 24.15
C PRO A 358 -5.90 -0.42 25.45
N ASN A 359 -5.56 -1.17 26.52
CA ASN A 359 -5.96 -0.89 27.89
C ASN A 359 -5.58 0.54 28.31
N VAL A 360 -4.33 0.90 28.05
CA VAL A 360 -3.87 2.24 28.29
C VAL A 360 -4.60 3.20 27.41
N LEU A 361 -4.85 2.80 26.16
CA LEU A 361 -5.56 3.67 25.27
C LEU A 361 -7.04 3.82 25.68
N LEU A 362 -7.59 2.82 26.31
CA LEU A 362 -8.97 2.94 26.74
C LEU A 362 -8.98 3.88 27.93
N GLU A 363 -8.00 3.65 28.77
CA GLU A 363 -7.91 4.44 29.96
C GLU A 363 -7.88 5.91 29.56
N GLN A 364 -6.95 6.30 28.72
CA GLN A 364 -6.86 7.70 28.35
C GLN A 364 -8.16 8.32 27.84
N GLY A 365 -9.00 7.54 27.18
CA GLY A 365 -10.28 8.04 26.65
C GLY A 365 -10.28 9.04 25.46
N ALA A 366 -9.21 8.99 24.61
CA ALA A 366 -9.05 9.77 23.38
C ALA A 366 -9.28 8.96 22.07
N ALA A 367 -8.50 7.89 21.85
CA ALA A 367 -8.55 7.11 20.63
C ALA A 367 -9.90 6.50 20.48
N ALA A 368 -10.55 6.66 19.32
CA ALA A 368 -11.75 5.91 19.02
C ALA A 368 -11.45 4.38 18.74
N ASN A 369 -10.28 4.01 18.24
CA ASN A 369 -10.05 2.59 18.04
C ASN A 369 -8.76 2.23 18.80
N PRO A 370 -8.84 1.64 20.00
CA PRO A 370 -7.65 1.38 20.80
C PRO A 370 -6.78 0.23 20.29
N TRP A 371 -7.26 -0.54 19.30
CA TRP A 371 -6.60 -1.73 18.77
C TRP A 371 -5.46 -1.46 17.81
N PRO A 372 -4.55 -2.42 17.62
CA PRO A 372 -3.40 -2.19 16.72
C PRO A 372 -3.72 -2.24 15.22
N ASN A 373 -2.89 -1.68 14.35
CA ASN A 373 -3.13 -1.73 12.92
C ASN A 373 -1.92 -2.43 12.31
N VAL A 374 -1.95 -2.68 11.03
CA VAL A 374 -0.90 -3.42 10.38
C VAL A 374 0.50 -2.98 10.78
N ASP A 375 0.68 -1.70 11.04
CA ASP A 375 2.01 -1.19 11.26
C ASP A 375 2.67 -1.67 12.53
N ALA A 376 1.82 -1.97 13.51
CA ALA A 376 2.31 -2.44 14.77
C ALA A 376 3.01 -3.75 14.59
N HIS A 377 2.71 -4.53 13.56
CA HIS A 377 3.30 -5.86 13.51
C HIS A 377 4.31 -6.20 12.43
N SER A 378 4.45 -5.33 11.45
CA SER A 378 5.23 -5.59 10.27
C SER A 378 6.76 -5.57 10.47
N GLY A 379 7.27 -4.55 11.12
CA GLY A 379 8.70 -4.40 11.22
C GLY A 379 9.34 -5.59 11.93
N VAL A 380 8.60 -6.10 12.96
CA VAL A 380 9.05 -7.15 13.87
C VAL A 380 9.48 -8.36 13.11
N LEU A 381 8.68 -8.57 12.09
CA LEU A 381 8.90 -9.66 11.17
C LEU A 381 10.19 -9.49 10.36
N LEU A 382 10.37 -8.31 9.75
CA LEU A 382 11.55 -7.91 8.99
C LEU A 382 12.93 -8.05 9.69
N GLN A 383 13.04 -7.48 10.91
CA GLN A 383 14.15 -7.43 11.89
C GLN A 383 14.70 -8.86 12.12
N TYR A 384 13.72 -9.73 12.35
CA TYR A 384 13.92 -11.15 12.51
C TYR A 384 14.71 -11.75 11.39
N TYR A 385 14.30 -11.47 10.18
CA TYR A 385 15.09 -11.90 9.07
C TYR A 385 16.38 -11.10 8.84
N GLY A 386 16.74 -10.08 9.62
CA GLY A 386 18.02 -9.41 9.35
C GLY A 386 17.90 -8.09 8.63
N MET A 387 16.69 -7.81 8.24
CA MET A 387 16.44 -6.56 7.63
C MET A 387 16.18 -5.56 8.72
N THR A 388 17.21 -5.01 9.33
CA THR A 388 16.90 -4.22 10.49
C THR A 388 17.04 -2.69 10.24
N GLU A 389 17.09 -2.24 8.98
CA GLU A 389 17.18 -0.80 8.73
C GLU A 389 15.78 -0.21 8.62
N MET A 390 15.18 0.08 9.79
CA MET A 390 13.80 0.55 10.00
C MET A 390 13.47 1.82 9.26
N ASN A 391 14.41 2.73 8.95
CA ASN A 391 13.99 3.86 8.12
C ASN A 391 13.65 3.39 6.69
N TYR A 392 13.81 2.10 6.40
CA TYR A 392 13.55 1.62 5.04
C TYR A 392 12.19 0.94 4.85
N TYR A 393 11.54 0.58 5.96
CA TYR A 393 10.32 -0.22 6.00
C TYR A 393 9.14 0.26 5.12
N THR A 394 8.97 1.57 5.14
CA THR A 394 7.91 2.24 4.42
C THR A 394 8.03 2.10 2.91
N VAL A 395 9.27 1.90 2.44
CA VAL A 395 9.55 1.62 1.05
C VAL A 395 8.88 0.33 0.66
N LEU A 396 8.94 -0.64 1.55
CA LEU A 396 8.34 -1.90 1.28
C LEU A 396 6.85 -1.71 1.23
N PHE A 397 6.34 -0.93 2.17
CA PHE A 397 4.92 -0.63 2.15
C PHE A 397 4.55 -0.02 0.81
N GLY A 398 5.36 0.94 0.39
CA GLY A 398 5.18 1.66 -0.86
C GLY A 398 5.16 0.72 -2.05
N VAL A 399 6.05 -0.25 -2.09
CA VAL A 399 5.97 -1.14 -3.23
C VAL A 399 4.66 -1.96 -3.32
N SER A 400 4.17 -2.41 -2.20
CA SER A 400 2.97 -3.20 -2.18
C SER A 400 1.77 -2.39 -2.62
N ARG A 401 1.70 -1.18 -2.06
CA ARG A 401 0.61 -0.22 -2.23
C ARG A 401 0.36 0.13 -3.68
N ALA A 402 1.41 0.06 -4.50
CA ALA A 402 1.36 0.29 -5.94
C ALA A 402 0.31 -0.64 -6.53
N LEU A 403 0.24 -1.84 -5.95
CA LEU A 403 -0.69 -2.84 -6.44
C LEU A 403 -2.13 -2.38 -6.36
N GLY A 404 -2.50 -1.79 -5.25
CA GLY A 404 -3.91 -1.46 -5.17
C GLY A 404 -4.21 -0.17 -5.86
N VAL A 405 -3.36 0.79 -5.59
CA VAL A 405 -3.61 2.09 -6.17
C VAL A 405 -3.62 2.16 -7.70
N LEU A 406 -2.75 1.39 -8.33
CA LEU A 406 -2.67 1.33 -9.77
C LEU A 406 -3.80 0.52 -10.40
N ALA A 407 -4.21 -0.58 -9.73
CA ALA A 407 -5.30 -1.44 -10.16
C ALA A 407 -6.57 -0.55 -10.24
N GLN A 408 -6.78 0.33 -9.25
CA GLN A 408 -7.88 1.29 -9.27
C GLN A 408 -7.77 2.39 -10.33
N LEU A 409 -6.58 2.94 -10.42
CA LEU A 409 -6.29 4.04 -11.33
C LEU A 409 -6.75 3.69 -12.73
N ILE A 410 -6.50 2.46 -13.10
CA ILE A 410 -6.88 2.00 -14.40
C ILE A 410 -8.40 2.07 -14.57
N TRP A 411 -9.12 1.64 -13.56
CA TRP A 411 -10.58 1.68 -13.57
C TRP A 411 -11.14 3.10 -13.52
N SER A 412 -10.64 3.96 -12.66
CA SER A 412 -11.10 5.35 -12.67
C SER A 412 -11.18 5.99 -14.08
N ARG A 413 -10.11 5.79 -14.83
CA ARG A 413 -9.88 6.23 -16.20
C ARG A 413 -10.80 5.42 -17.16
N ALA A 414 -10.93 4.11 -16.97
CA ALA A 414 -11.84 3.28 -17.77
C ALA A 414 -13.29 3.76 -17.64
N LEU A 415 -13.62 4.15 -16.42
CA LEU A 415 -14.94 4.61 -16.07
C LEU A 415 -15.16 6.08 -16.36
N GLY A 416 -14.13 6.75 -16.81
CA GLY A 416 -14.27 8.17 -16.98
C GLY A 416 -14.54 8.99 -15.71
N PHE A 417 -14.00 8.69 -14.49
CA PHE A 417 -14.19 9.56 -13.32
C PHE A 417 -13.55 10.91 -13.57
N PRO A 418 -14.30 11.94 -13.33
CA PRO A 418 -13.85 13.28 -13.55
C PRO A 418 -12.88 13.80 -12.49
N LEU A 419 -12.49 15.06 -12.69
CA LEU A 419 -11.66 15.81 -11.73
C LEU A 419 -12.20 15.72 -10.30
N GLU A 420 -11.34 15.41 -9.32
CA GLU A 420 -11.78 15.44 -7.92
C GLU A 420 -11.67 16.87 -7.48
N ARG A 421 -12.76 17.55 -7.16
CA ARG A 421 -12.70 18.96 -6.82
C ARG A 421 -13.94 19.27 -6.00
N PRO A 422 -13.86 19.05 -4.69
CA PRO A 422 -14.94 19.43 -3.80
C PRO A 422 -14.92 20.96 -3.53
N LYS A 423 -15.84 21.40 -2.69
CA LYS A 423 -15.92 22.78 -2.28
C LYS A 423 -15.35 22.97 -0.88
N SER A 424 -14.58 24.03 -0.66
CA SER A 424 -14.08 24.25 0.69
C SER A 424 -14.80 25.43 1.25
N MET A 425 -14.57 25.72 2.50
CA MET A 425 -15.29 26.76 3.18
C MET A 425 -14.37 27.23 4.24
N SER A 426 -14.37 28.49 4.61
CA SER A 426 -13.54 28.93 5.71
C SER A 426 -14.41 28.91 6.96
N THR A 427 -13.78 29.03 8.13
CA THR A 427 -14.53 29.20 9.34
C THR A 427 -15.57 30.32 9.34
N ASP A 428 -15.21 31.52 8.88
CA ASP A 428 -16.11 32.65 8.82
C ASP A 428 -17.31 32.34 7.97
N GLY A 429 -17.02 31.77 6.81
CA GLY A 429 -18.07 31.32 5.92
C GLY A 429 -19.05 30.31 6.51
N LEU A 430 -18.53 29.23 7.09
CA LEU A 430 -19.35 28.29 7.80
C LEU A 430 -20.15 28.94 8.90
N ILE A 431 -19.44 29.77 9.74
CA ILE A 431 -20.06 30.52 10.85
C ILE A 431 -21.27 31.20 10.16
N ALA A 432 -21.02 32.00 9.09
CA ALA A 432 -22.13 32.59 8.33
C ALA A 432 -23.25 31.66 7.82
N LEU A 433 -22.96 30.51 7.24
CA LEU A 433 -23.94 29.56 6.70
C LEU A 433 -25.13 29.10 7.57
N1A CMC B . -1.74 7.32 20.12
C2A CMC B . -2.16 8.36 20.87
N3A CMC B . -3.19 9.14 20.62
C4A CMC B . -4.02 8.63 19.68
C5A CMC B . -3.81 7.47 18.93
C6A CMC B . -2.52 6.80 19.12
N6A CMC B . -2.22 5.71 18.52
N7A CMC B . -4.78 7.26 18.01
C8A CMC B . -5.71 8.16 18.30
N9A CMC B . -5.27 9.08 19.24
C1B CMC B . -5.94 10.37 19.58
C2B CMC B . -5.96 11.20 18.35
O2B CMC B . -4.63 11.71 18.08
C3B CMC B . -6.97 12.28 18.77
O3B CMC B . -6.32 13.10 19.68
P3B CMC B . -6.73 14.72 19.66
O7A CMC B . -6.20 15.16 18.24
O8A CMC B . -5.88 15.54 20.73
O9A CMC B . -8.32 14.70 19.73
C4B CMC B . -8.07 11.38 19.38
O4B CMC B . -7.34 10.14 19.76
C5B CMC B . -9.28 10.89 18.59
O5B CMC B . -8.68 10.46 17.35
P1A CMC B . -9.24 9.16 16.58
O1A CMC B . -10.58 9.38 15.98
O2A CMC B . -9.07 7.99 17.51
O3A CMC B . -8.16 9.10 15.45
P2A CMC B . -8.14 9.59 13.90
O4A CMC B . -9.15 8.72 13.12
O5A CMC B . -8.17 11.13 13.83
O6A CMC B . -6.62 9.14 13.49
CBP CMC B . -4.88 7.62 13.37
CCP CMC B . -6.40 7.78 13.26
CDP CMC B . -4.39 6.33 12.68
CEP CMC B . -4.33 8.88 12.67
CAP CMC B . -4.54 7.61 14.88
OAP CMC B . -5.05 6.42 15.47
C9P CMC B . -3.02 7.64 15.13
O9P CMC B . -2.40 8.78 15.13
N8P CMC B . -2.40 6.47 15.25
C7P CMC B . -0.94 6.41 15.41
C6P CMC B . -0.22 6.45 14.06
C5P CMC B . -0.43 5.15 13.34
O5P CMC B . -0.27 4.01 13.89
N4P CMC B . -0.74 5.32 12.08
C3P CMC B . -1.10 4.19 11.13
C2P CMC B . -2.59 4.11 10.73
S1P CMC B . -3.11 2.58 9.88
C1 CMC B . -1.75 1.87 8.90
C2 CMC B . -1.08 2.88 7.99
O21 CMC B . -1.77 3.82 7.70
O22 CMC B . 0.17 2.80 7.65
C1 LMR C . -4.10 1.16 5.94
O1A LMR C . -3.59 0.38 5.16
O1B LMR C . -4.43 0.83 7.10
C2 LMR C . -3.84 2.60 5.61
O2 LMR C . -3.96 2.78 4.12
C3 LMR C . -4.63 3.61 6.43
C4 LMR C . -6.08 3.78 6.14
O4A LMR C . -6.67 4.78 6.64
O4B LMR C . -6.70 2.78 5.67
#